data_1F7B
#
_entry.id   1F7B
#
_cell.length_a   65.625
_cell.length_b   117.990
_cell.length_c   80.896
_cell.angle_alpha   90.00
_cell.angle_beta   90.00
_cell.angle_gamma   90.00
#
_symmetry.space_group_name_H-M   'P 21 21 2'
#
loop_
_entity.id
_entity.type
_entity.pdbx_description
1 polymer 'N-ACETYL-NEURAMINATE LYASE'
2 non-polymer '4,4,6,7,8,9-HEXAHYDROXY-5-METHYLCARBOXAMIDONONANOIC ACID'
3 non-polymer 'CHLORIDE ION'
4 non-polymer '6,7,8,9-TETRAHYDROXY-5-METHYLCARBOXAMIDO-4-OXONONANOIC ACID'
5 water water
#
_entity_poly.entity_id   1
_entity_poly.type   'polypeptide(L)'
_entity_poly.pdbx_seq_one_letter_code
;MRDLKGIFSALLVSFNEDGTINEKGLRQIIRHNIDKMKVDGLYVGGSTGENFMLSTEEKKEIFRIAKDEAKDQIALIAQV
GSVNLKEAVELGKYATELGYDCLSAVTPFYYKFSFPEIKHYYDTIIAETGSNMIVYSIPFLTGVNMGIEQFGELYKNPKV
LGVKFTAGDFYLLERLKKAYPNHLIWAGFDEMMLPAASLGVDGAIGSTFNVNGVRARQIFELTKAGKLKEALEIQHVTND
LIEGILANGLYLTIKELLKLEGVDAGYCREPMTSKATAEQVAKAKDLKAKFLS
;
_entity_poly.pdbx_strand_id   A,C
#
# COMPACT_ATOMS: atom_id res chain seq x y z
N MET A 1 -29.97 -8.15 2.96
CA MET A 1 -29.41 -8.53 4.28
C MET A 1 -29.02 -7.30 5.09
N ARG A 2 -28.99 -7.40 6.42
CA ARG A 2 -28.59 -6.22 7.20
C ARG A 2 -27.27 -5.69 6.60
N ASP A 3 -27.30 -4.44 6.18
CA ASP A 3 -26.17 -3.75 5.56
C ASP A 3 -24.90 -3.91 6.38
N LEU A 4 -23.82 -4.29 5.72
CA LEU A 4 -22.52 -4.50 6.35
C LEU A 4 -21.48 -3.47 5.96
N LYS A 5 -21.87 -2.42 5.22
CA LYS A 5 -20.88 -1.41 4.85
C LYS A 5 -20.60 -0.43 5.97
N GLY A 6 -19.50 0.30 5.86
CA GLY A 6 -19.19 1.32 6.85
C GLY A 6 -18.10 1.01 7.84
N ILE A 7 -18.21 1.70 8.99
CA ILE A 7 -17.23 1.68 10.03
C ILE A 7 -17.53 0.65 11.13
N PHE A 8 -16.61 -0.31 11.25
CA PHE A 8 -16.73 -1.37 12.24
C PHE A 8 -15.54 -1.38 13.19
N SER A 9 -15.79 -1.29 14.51
CA SER A 9 -14.68 -1.43 15.43
C SER A 9 -14.43 -2.95 15.61
N ALA A 10 -13.15 -3.31 15.63
CA ALA A 10 -12.75 -4.68 15.97
C ALA A 10 -12.83 -4.64 17.51
N LEU A 11 -13.89 -5.24 18.04
CA LEU A 11 -14.14 -5.14 19.48
C LEU A 11 -13.03 -5.63 20.40
N LEU A 12 -12.61 -4.76 21.32
CA LEU A 12 -11.63 -5.08 22.34
C LEU A 12 -12.42 -5.73 23.50
N VAL A 13 -11.75 -6.59 24.25
CA VAL A 13 -12.41 -7.30 25.35
C VAL A 13 -11.74 -6.92 26.66
N SER A 14 -12.50 -6.68 27.71
CA SER A 14 -11.94 -6.35 29.01
C SER A 14 -11.67 -7.64 29.79
N PHE A 15 -10.45 -7.80 30.31
CA PHE A 15 -10.12 -8.98 31.09
C PHE A 15 -9.82 -8.57 32.53
N ASN A 16 -10.10 -9.49 33.47
CA ASN A 16 -9.75 -9.25 34.86
C ASN A 16 -8.26 -9.55 34.99
N GLU A 17 -7.71 -9.26 36.16
CA GLU A 17 -6.32 -9.55 36.46
C GLU A 17 -5.97 -11.02 36.27
N ASP A 18 -6.89 -11.93 36.58
CA ASP A 18 -6.64 -13.35 36.40
C ASP A 18 -6.89 -13.86 34.99
N GLY A 19 -7.26 -13.04 34.02
CA GLY A 19 -7.49 -13.43 32.66
C GLY A 19 -8.91 -13.76 32.26
N THR A 20 -9.82 -13.86 33.22
CA THR A 20 -11.22 -14.14 32.94
C THR A 20 -11.87 -12.88 32.33
N ILE A 21 -12.96 -13.08 31.63
CA ILE A 21 -13.64 -11.93 31.01
C ILE A 21 -14.25 -11.04 32.07
N ASN A 22 -14.09 -9.74 31.93
CA ASN A 22 -14.74 -8.76 32.80
C ASN A 22 -16.01 -8.35 32.03
N GLU A 23 -17.12 -8.98 32.33
CA GLU A 23 -18.38 -8.73 31.63
C GLU A 23 -18.85 -7.30 31.71
N LYS A 24 -18.81 -6.69 32.90
CA LYS A 24 -19.22 -5.30 33.04
C LYS A 24 -18.38 -4.37 32.16
N GLY A 25 -17.08 -4.59 32.18
CA GLY A 25 -16.14 -3.81 31.37
C GLY A 25 -16.38 -4.01 29.88
N LEU A 26 -16.62 -5.26 29.46
CA LEU A 26 -16.88 -5.54 28.05
C LEU A 26 -18.15 -4.83 27.59
N ARG A 27 -19.21 -4.84 28.41
CA ARG A 27 -20.43 -4.10 28.07
C ARG A 27 -20.15 -2.62 27.97
N GLN A 28 -19.30 -2.05 28.83
CA GLN A 28 -18.95 -0.63 28.70
C GLN A 28 -18.19 -0.35 27.40
N ILE A 29 -17.33 -1.26 26.96
CA ILE A 29 -16.61 -1.09 25.69
C ILE A 29 -17.60 -1.08 24.54
N ILE A 30 -18.54 -2.00 24.55
CA ILE A 30 -19.58 -2.06 23.52
C ILE A 30 -20.40 -0.77 23.53
N ARG A 31 -20.86 -0.34 24.71
CA ARG A 31 -21.66 0.89 24.76
C ARG A 31 -20.90 2.08 24.21
N HIS A 32 -19.62 2.16 24.61
CA HIS A 32 -18.78 3.27 24.14
C HIS A 32 -18.70 3.28 22.62
N ASN A 33 -18.52 2.10 22.01
CA ASN A 33 -18.49 2.03 20.55
C ASN A 33 -19.81 2.44 19.91
N ILE A 34 -20.93 1.93 20.43
CA ILE A 34 -22.22 2.25 19.79
C ILE A 34 -22.61 3.71 20.02
N ASP A 35 -22.50 4.13 21.27
CA ASP A 35 -23.01 5.45 21.65
C ASP A 35 -22.10 6.63 21.40
N LYS A 36 -20.79 6.47 21.58
CA LYS A 36 -19.86 7.58 21.40
C LYS A 36 -19.06 7.48 20.11
N MET A 37 -18.57 6.28 19.78
CA MET A 37 -17.83 6.11 18.53
C MET A 37 -18.73 6.09 17.32
N LYS A 38 -20.05 5.91 17.48
CA LYS A 38 -21.03 5.92 16.43
C LYS A 38 -20.70 4.94 15.30
N VAL A 39 -20.21 3.75 15.64
CA VAL A 39 -19.91 2.74 14.65
C VAL A 39 -21.17 2.22 13.96
N ASP A 40 -20.98 1.70 12.74
CA ASP A 40 -22.03 1.02 11.99
C ASP A 40 -22.21 -0.40 12.54
N GLY A 41 -21.11 -0.91 13.13
CA GLY A 41 -21.20 -2.27 13.68
C GLY A 41 -19.93 -2.66 14.43
N LEU A 42 -19.92 -3.90 14.92
CA LEU A 42 -18.77 -4.44 15.63
C LEU A 42 -18.31 -5.74 14.97
N TYR A 43 -17.01 -5.92 14.95
CA TYR A 43 -16.42 -7.18 14.42
C TYR A 43 -15.94 -7.88 15.70
N VAL A 44 -16.70 -8.90 16.11
CA VAL A 44 -16.44 -9.53 17.41
C VAL A 44 -15.64 -10.83 17.29
N GLY A 45 -14.66 -11.03 18.16
CA GLY A 45 -13.87 -12.28 18.12
C GLY A 45 -12.70 -12.20 17.15
N GLY A 46 -12.29 -10.99 16.79
CA GLY A 46 -11.16 -10.84 15.87
C GLY A 46 -9.83 -10.86 16.61
N SER A 47 -8.77 -10.50 15.86
CA SER A 47 -7.45 -10.42 16.48
C SER A 47 -7.46 -9.39 17.61
N THR A 48 -8.07 -8.23 17.43
CA THR A 48 -8.14 -7.19 18.44
C THR A 48 -8.86 -7.62 19.71
N GLY A 49 -9.78 -8.57 19.63
CA GLY A 49 -10.48 -9.08 20.80
C GLY A 49 -9.62 -10.07 21.59
N GLU A 50 -8.36 -10.30 21.23
CA GLU A 50 -7.49 -11.25 21.93
C GLU A 50 -8.04 -12.68 21.84
N ASN A 51 -8.84 -12.89 20.80
CA ASN A 51 -9.58 -14.10 20.54
C ASN A 51 -8.73 -15.37 20.49
N PHE A 52 -7.58 -15.31 19.82
CA PHE A 52 -6.81 -16.54 19.64
C PHE A 52 -6.09 -17.05 20.86
N MET A 53 -6.11 -16.34 21.98
CA MET A 53 -5.57 -16.80 23.25
C MET A 53 -6.64 -17.37 24.16
N LEU A 54 -7.88 -17.50 23.67
CA LEU A 54 -8.99 -17.91 24.52
C LEU A 54 -9.53 -19.30 24.23
N SER A 55 -10.30 -19.84 25.19
CA SER A 55 -10.95 -21.13 25.02
C SER A 55 -12.24 -20.97 24.21
N THR A 56 -12.75 -22.07 23.68
CA THR A 56 -14.02 -22.03 22.93
C THR A 56 -15.13 -21.45 23.77
N GLU A 57 -15.19 -21.88 25.05
CA GLU A 57 -16.25 -21.39 25.93
C GLU A 57 -16.11 -19.88 26.21
N GLU A 58 -14.87 -19.39 26.35
CA GLU A 58 -14.68 -17.94 26.50
C GLU A 58 -15.12 -17.18 25.26
N LYS A 59 -14.82 -17.75 24.07
CA LYS A 59 -15.25 -17.11 22.83
C LYS A 59 -16.77 -17.04 22.76
N LYS A 60 -17.46 -18.11 23.17
CA LYS A 60 -18.92 -18.11 23.16
C LYS A 60 -19.45 -17.05 24.12
N GLU A 61 -18.84 -16.94 25.30
CA GLU A 61 -19.29 -15.93 26.27
C GLU A 61 -19.18 -14.52 25.70
N ILE A 62 -18.09 -14.21 25.00
CA ILE A 62 -17.91 -12.86 24.43
C ILE A 62 -18.97 -12.65 23.36
N PHE A 63 -19.24 -13.67 22.54
CA PHE A 63 -20.28 -13.54 21.53
C PHE A 63 -21.65 -13.28 22.18
N ARG A 64 -21.96 -14.01 23.24
CA ARG A 64 -23.26 -13.81 23.90
C ARG A 64 -23.38 -12.39 24.47
N ILE A 65 -22.35 -11.99 25.20
CA ILE A 65 -22.32 -10.66 25.82
C ILE A 65 -22.44 -9.56 24.79
N ALA A 66 -21.67 -9.63 23.69
CA ALA A 66 -21.76 -8.55 22.69
C ALA A 66 -23.14 -8.48 22.06
N LYS A 67 -23.75 -9.61 21.71
CA LYS A 67 -25.10 -9.57 21.12
C LYS A 67 -26.15 -9.11 22.11
N ASP A 68 -26.04 -9.56 23.36
CA ASP A 68 -27.00 -9.13 24.39
C ASP A 68 -26.89 -7.63 24.65
N GLU A 69 -25.67 -7.07 24.66
CA GLU A 69 -25.54 -5.63 24.93
C GLU A 69 -25.93 -4.77 23.74
N ALA A 70 -25.53 -5.15 22.53
CA ALA A 70 -25.81 -4.37 21.33
C ALA A 70 -27.24 -4.58 20.82
N LYS A 71 -27.84 -5.73 21.13
CA LYS A 71 -29.20 -6.04 20.69
C LYS A 71 -29.28 -5.86 19.18
N ASP A 72 -30.17 -5.01 18.67
CA ASP A 72 -30.27 -4.83 17.22
C ASP A 72 -29.88 -3.43 16.79
N GLN A 73 -29.19 -2.69 17.66
CA GLN A 73 -28.82 -1.33 17.33
C GLN A 73 -27.80 -1.23 16.21
N ILE A 74 -26.87 -2.17 16.09
CA ILE A 74 -25.85 -2.11 15.05
C ILE A 74 -25.69 -3.43 14.30
N ALA A 75 -24.88 -3.40 13.24
CA ALA A 75 -24.57 -4.63 12.51
C ALA A 75 -23.56 -5.41 13.35
N LEU A 76 -23.55 -6.74 13.27
CA LEU A 76 -22.60 -7.52 14.06
C LEU A 76 -22.00 -8.62 13.19
N ILE A 77 -20.68 -8.70 13.18
CA ILE A 77 -20.00 -9.72 12.41
C ILE A 77 -19.22 -10.58 13.42
N ALA A 78 -19.27 -11.89 13.30
CA ALA A 78 -18.59 -12.79 14.22
C ALA A 78 -17.42 -13.50 13.56
N GLN A 79 -16.21 -13.20 14.05
CA GLN A 79 -15.01 -13.89 13.51
C GLN A 79 -14.91 -15.21 14.29
N VAL A 80 -14.96 -16.31 13.55
CA VAL A 80 -14.99 -17.64 14.14
C VAL A 80 -13.87 -18.55 13.62
N GLY A 81 -12.94 -17.99 12.86
CA GLY A 81 -11.87 -18.80 12.30
C GLY A 81 -10.89 -19.30 13.36
N SER A 82 -10.17 -20.36 12.97
CA SER A 82 -9.24 -21.03 13.89
C SER A 82 -8.43 -22.07 13.11
N VAL A 83 -7.41 -22.67 13.74
CA VAL A 83 -6.70 -23.79 13.11
C VAL A 83 -7.58 -25.04 13.20
N ASN A 84 -8.48 -25.07 14.17
CA ASN A 84 -9.42 -26.14 14.40
C ASN A 84 -10.71 -25.86 13.63
N LEU A 85 -10.94 -26.56 12.53
CA LEU A 85 -12.15 -26.33 11.73
C LEU A 85 -13.42 -26.77 12.46
N LYS A 86 -13.35 -27.80 13.31
CA LYS A 86 -14.55 -28.18 14.09
C LYS A 86 -14.91 -27.07 15.07
N GLU A 87 -13.92 -26.41 15.64
CA GLU A 87 -14.20 -25.28 16.53
C GLU A 87 -14.83 -24.12 15.73
N ALA A 88 -14.30 -23.85 14.54
CA ALA A 88 -14.85 -22.76 13.72
C ALA A 88 -16.30 -23.02 13.38
N VAL A 89 -16.63 -24.29 13.04
CA VAL A 89 -18.01 -24.63 12.76
C VAL A 89 -18.87 -24.48 14.01
N GLU A 90 -18.37 -24.95 15.16
CA GLU A 90 -19.12 -24.83 16.42
C GLU A 90 -19.41 -23.37 16.73
N LEU A 91 -18.37 -22.52 16.64
CA LEU A 91 -18.55 -21.10 16.89
C LEU A 91 -19.44 -20.46 15.84
N GLY A 92 -19.28 -20.83 14.57
CA GLY A 92 -20.17 -20.25 13.54
C GLY A 92 -21.62 -20.60 13.79
N LYS A 93 -21.92 -21.86 14.19
CA LYS A 93 -23.31 -22.22 14.47
C LYS A 93 -23.87 -21.39 15.63
N TYR A 94 -23.06 -21.22 16.68
CA TYR A 94 -23.47 -20.49 17.87
C TYR A 94 -23.67 -19.01 17.55
N ALA A 95 -22.74 -18.37 16.83
CA ALA A 95 -22.94 -16.98 16.44
C ALA A 95 -24.16 -16.86 15.51
N THR A 96 -24.41 -17.83 14.65
CA THR A 96 -25.59 -17.78 13.79
C THR A 96 -26.87 -17.86 14.59
N GLU A 97 -26.90 -18.77 15.57
CA GLU A 97 -28.03 -18.93 16.49
C GLU A 97 -28.31 -17.68 17.28
N LEU A 98 -27.26 -16.96 17.69
CA LEU A 98 -27.41 -15.74 18.45
C LEU A 98 -27.94 -14.59 17.59
N GLY A 99 -27.88 -14.72 16.27
CA GLY A 99 -28.41 -13.66 15.41
C GLY A 99 -27.37 -12.75 14.80
N TYR A 100 -26.09 -13.12 14.82
CA TYR A 100 -25.04 -12.34 14.17
C TYR A 100 -25.40 -12.21 12.70
N ASP A 101 -25.12 -11.05 12.10
CA ASP A 101 -25.47 -10.80 10.70
C ASP A 101 -24.67 -11.55 9.67
N CYS A 102 -23.41 -11.83 9.99
CA CYS A 102 -22.52 -12.53 9.07
C CYS A 102 -21.35 -13.16 9.85
N LEU A 103 -20.75 -14.20 9.27
CA LEU A 103 -19.56 -14.79 9.88
C LEU A 103 -18.32 -14.29 9.15
N SER A 104 -17.17 -14.41 9.80
CA SER A 104 -15.91 -14.10 9.18
C SER A 104 -14.87 -15.13 9.67
N ALA A 105 -13.83 -15.37 8.88
CA ALA A 105 -12.85 -16.34 9.41
C ALA A 105 -11.44 -16.08 8.90
N VAL A 106 -10.49 -16.01 9.82
CA VAL A 106 -9.09 -15.85 9.42
C VAL A 106 -8.66 -17.04 8.56
N THR A 107 -7.77 -16.90 7.60
CA THR A 107 -7.31 -18.13 6.89
C THR A 107 -6.68 -19.03 7.94
N PRO A 108 -6.86 -20.35 7.87
CA PRO A 108 -6.28 -21.27 8.85
C PRO A 108 -4.76 -21.12 8.83
N PHE A 109 -4.16 -21.10 10.01
CA PHE A 109 -2.73 -20.79 10.14
C PHE A 109 -1.93 -21.85 10.86
N TYR A 110 -0.70 -21.54 11.26
CA TYR A 110 0.24 -22.43 11.93
C TYR A 110 0.77 -23.41 10.87
N TYR A 111 -0.03 -24.40 10.50
CA TYR A 111 0.36 -25.31 9.42
C TYR A 111 0.32 -24.57 8.08
N LYS A 112 1.09 -25.04 7.11
CA LYS A 112 1.07 -24.48 5.77
C LYS A 112 -0.01 -25.13 4.92
N PHE A 113 -1.25 -24.68 5.05
CA PHE A 113 -2.36 -25.21 4.27
C PHE A 113 -2.32 -24.79 2.81
N SER A 114 -2.67 -25.73 1.93
CA SER A 114 -2.70 -25.44 0.51
C SER A 114 -3.93 -24.59 0.22
N PHE A 115 -4.02 -24.01 -0.98
CA PHE A 115 -5.22 -23.24 -1.32
C PHE A 115 -6.49 -24.07 -1.30
N PRO A 116 -6.51 -25.26 -1.90
CA PRO A 116 -7.66 -26.15 -1.83
C PRO A 116 -8.10 -26.40 -0.39
N GLU A 117 -7.15 -26.57 0.54
CA GLU A 117 -7.50 -26.79 1.94
C GLU A 117 -8.14 -25.53 2.53
N ILE A 118 -7.59 -24.39 2.16
CA ILE A 118 -8.18 -23.12 2.63
C ILE A 118 -9.59 -22.97 2.08
N LYS A 119 -9.79 -23.23 0.79
CA LYS A 119 -11.11 -23.16 0.19
C LYS A 119 -12.09 -24.14 0.83
N HIS A 120 -11.69 -25.38 1.11
CA HIS A 120 -12.57 -26.34 1.78
C HIS A 120 -12.96 -25.88 3.18
N TYR A 121 -12.02 -25.19 3.85
CA TYR A 121 -12.31 -24.63 5.18
C TYR A 121 -13.42 -23.60 5.11
N TYR A 122 -13.33 -22.63 4.20
CA TYR A 122 -14.42 -21.66 4.09
C TYR A 122 -15.72 -22.33 3.66
N ASP A 123 -15.68 -23.21 2.65
CA ASP A 123 -16.89 -23.87 2.20
C ASP A 123 -17.56 -24.71 3.30
N THR A 124 -16.79 -25.35 4.18
CA THR A 124 -17.33 -26.13 5.28
C THR A 124 -18.01 -25.25 6.32
N ILE A 125 -17.36 -24.15 6.71
CA ILE A 125 -17.98 -23.27 7.71
C ILE A 125 -19.33 -22.78 7.17
N ILE A 126 -19.34 -22.34 5.91
CA ILE A 126 -20.60 -21.89 5.31
C ILE A 126 -21.65 -22.99 5.23
N ALA A 127 -21.28 -24.16 4.70
CA ALA A 127 -22.24 -25.25 4.54
C ALA A 127 -22.83 -25.72 5.86
N GLU A 128 -21.99 -25.84 6.88
CA GLU A 128 -22.43 -26.30 8.19
C GLU A 128 -23.24 -25.26 8.95
N THR A 129 -23.13 -23.97 8.68
CA THR A 129 -23.91 -22.97 9.39
C THR A 129 -25.06 -22.37 8.59
N GLY A 130 -24.88 -22.32 7.27
CA GLY A 130 -25.88 -21.67 6.42
C GLY A 130 -25.68 -20.16 6.37
N SER A 131 -24.63 -19.63 6.99
CA SER A 131 -24.40 -18.21 7.07
C SER A 131 -23.43 -17.68 6.02
N ASN A 132 -23.53 -16.38 5.75
CA ASN A 132 -22.61 -15.74 4.81
C ASN A 132 -21.24 -15.58 5.48
N MET A 133 -20.21 -15.34 4.67
CA MET A 133 -18.83 -15.34 5.15
C MET A 133 -18.00 -14.21 4.60
N ILE A 134 -17.16 -13.62 5.44
CA ILE A 134 -16.19 -12.62 5.08
C ILE A 134 -14.79 -13.22 5.30
N VAL A 135 -14.00 -13.36 4.22
CA VAL A 135 -12.64 -13.89 4.38
C VAL A 135 -11.81 -12.86 5.16
N TYR A 136 -11.04 -13.29 6.15
CA TYR A 136 -10.19 -12.40 6.92
C TYR A 136 -8.73 -12.70 6.50
N SER A 137 -8.18 -11.73 5.78
CA SER A 137 -6.82 -11.86 5.27
C SER A 137 -5.85 -11.00 6.07
N ILE A 138 -4.89 -11.65 6.72
CA ILE A 138 -3.90 -10.88 7.49
C ILE A 138 -2.55 -11.58 7.38
N PRO A 139 -1.93 -11.42 6.21
CA PRO A 139 -0.66 -12.06 5.90
C PRO A 139 0.44 -11.77 6.89
N PHE A 140 0.48 -10.58 7.50
CA PHE A 140 1.53 -10.25 8.46
C PHE A 140 1.54 -11.16 9.67
N LEU A 141 0.38 -11.67 10.09
CA LEU A 141 0.34 -12.60 11.21
C LEU A 141 0.26 -14.05 10.73
N THR A 142 -0.46 -14.35 9.67
CA THR A 142 -0.59 -15.73 9.26
C THR A 142 0.48 -16.24 8.31
N GLY A 143 1.06 -15.35 7.51
CA GLY A 143 2.01 -15.81 6.48
C GLY A 143 1.28 -16.34 5.26
N VAL A 144 -0.04 -16.23 5.18
CA VAL A 144 -0.83 -16.70 4.05
C VAL A 144 -1.06 -15.57 3.06
N ASN A 145 -0.58 -15.74 1.84
CA ASN A 145 -0.77 -14.72 0.81
C ASN A 145 -1.62 -15.34 -0.30
N MET A 146 -2.81 -14.78 -0.53
CA MET A 146 -3.68 -15.32 -1.57
C MET A 146 -3.70 -14.32 -2.73
N GLY A 147 -3.58 -14.79 -3.96
CA GLY A 147 -3.54 -13.87 -5.10
C GLY A 147 -4.95 -13.69 -5.64
N ILE A 148 -5.09 -12.89 -6.70
CA ILE A 148 -6.39 -12.60 -7.27
C ILE A 148 -7.15 -13.81 -7.78
N GLU A 149 -6.45 -14.79 -8.35
CA GLU A 149 -7.11 -16.00 -8.84
C GLU A 149 -7.70 -16.82 -7.70
N GLN A 150 -7.01 -16.88 -6.59
CA GLN A 150 -7.45 -17.55 -5.38
C GLN A 150 -8.69 -16.88 -4.77
N PHE A 151 -8.73 -15.55 -4.74
CA PHE A 151 -9.96 -14.89 -4.27
C PHE A 151 -11.11 -15.30 -5.19
N GLY A 152 -10.86 -15.36 -6.51
CA GLY A 152 -11.89 -15.80 -7.44
C GLY A 152 -12.48 -17.16 -7.12
N GLU A 153 -11.59 -18.10 -6.79
CA GLU A 153 -12.06 -19.45 -6.41
C GLU A 153 -12.91 -19.40 -5.15
N LEU A 154 -12.50 -18.60 -4.17
CA LEU A 154 -13.29 -18.45 -2.95
C LEU A 154 -14.64 -17.84 -3.29
N TYR A 155 -14.65 -16.82 -4.17
CA TYR A 155 -15.90 -16.15 -4.55
C TYR A 155 -16.81 -16.96 -5.45
N LYS A 156 -16.39 -18.17 -5.87
CA LYS A 156 -17.27 -19.08 -6.59
C LYS A 156 -18.39 -19.49 -5.63
N ASN A 157 -18.15 -19.47 -4.32
CA ASN A 157 -19.20 -19.73 -3.33
C ASN A 157 -19.93 -18.41 -3.14
N PRO A 158 -21.20 -18.34 -3.53
CA PRO A 158 -21.98 -17.12 -3.49
C PRO A 158 -22.22 -16.56 -2.11
N LYS A 159 -22.01 -17.35 -1.05
CA LYS A 159 -22.14 -16.90 0.33
C LYS A 159 -20.87 -16.25 0.86
N VAL A 160 -19.77 -16.26 0.08
CA VAL A 160 -18.57 -15.52 0.47
C VAL A 160 -18.83 -14.09 -0.06
N LEU A 161 -18.97 -13.10 0.84
CA LEU A 161 -19.34 -11.77 0.40
C LEU A 161 -18.20 -10.82 0.11
N GLY A 162 -17.02 -11.12 0.62
CA GLY A 162 -15.90 -10.18 0.45
C GLY A 162 -14.81 -10.54 1.45
N VAL A 163 -13.97 -9.56 1.69
CA VAL A 163 -12.77 -9.74 2.49
C VAL A 163 -12.42 -8.57 3.38
N LYS A 164 -11.96 -8.95 4.57
CA LYS A 164 -11.37 -8.00 5.52
C LYS A 164 -9.89 -7.98 5.08
N PHE A 165 -9.50 -6.91 4.42
CA PHE A 165 -8.19 -6.82 3.78
C PHE A 165 -7.14 -6.11 4.60
N THR A 166 -6.06 -6.82 4.94
CA THR A 166 -4.98 -6.13 5.68
C THR A 166 -3.66 -6.18 4.95
N ALA A 167 -3.50 -6.89 3.84
CA ALA A 167 -2.20 -6.90 3.19
C ALA A 167 -1.78 -5.46 2.91
N GLY A 168 -0.48 -5.20 2.86
CA GLY A 168 0.01 -3.85 2.51
C GLY A 168 0.35 -3.94 1.02
N ASP A 169 -0.70 -4.22 0.25
CA ASP A 169 -0.58 -4.40 -1.18
C ASP A 169 -1.76 -3.73 -1.86
N PHE A 170 -1.55 -2.47 -2.27
CA PHE A 170 -2.64 -1.72 -2.90
C PHE A 170 -2.82 -2.06 -4.37
N TYR A 171 -1.88 -2.80 -4.95
CA TYR A 171 -2.06 -3.29 -6.32
C TYR A 171 -3.09 -4.42 -6.25
N LEU A 172 -2.90 -5.33 -5.29
CA LEU A 172 -3.86 -6.44 -5.13
C LEU A 172 -5.24 -5.90 -4.80
N LEU A 173 -5.30 -4.87 -3.95
CA LEU A 173 -6.56 -4.25 -3.58
C LEU A 173 -7.29 -3.74 -4.80
N GLU A 174 -6.56 -3.01 -5.67
CA GLU A 174 -7.14 -2.55 -6.93
C GLU A 174 -7.59 -3.72 -7.78
N ARG A 175 -6.80 -4.79 -7.88
CA ARG A 175 -7.16 -5.94 -8.71
C ARG A 175 -8.45 -6.60 -8.23
N LEU A 176 -8.69 -6.61 -6.92
CA LEU A 176 -9.90 -7.21 -6.35
C LEU A 176 -11.16 -6.47 -6.77
N LYS A 177 -11.08 -5.14 -6.73
CA LYS A 177 -12.19 -4.30 -7.15
C LYS A 177 -12.42 -4.35 -8.65
N LYS A 178 -11.36 -4.53 -9.42
CA LYS A 178 -11.48 -4.64 -10.88
C LYS A 178 -12.20 -5.94 -11.22
N ALA A 179 -11.68 -7.03 -10.66
CA ALA A 179 -12.23 -8.35 -10.98
C ALA A 179 -13.59 -8.64 -10.39
N TYR A 180 -13.83 -8.29 -9.12
CA TYR A 180 -15.06 -8.59 -8.38
C TYR A 180 -15.65 -7.33 -7.79
N PRO A 181 -16.16 -6.43 -8.65
CA PRO A 181 -16.65 -5.13 -8.26
C PRO A 181 -17.79 -5.12 -7.27
N ASN A 182 -18.61 -6.14 -7.31
CA ASN A 182 -19.75 -6.32 -6.42
C ASN A 182 -19.40 -7.07 -5.13
N HIS A 183 -18.16 -7.52 -5.01
CA HIS A 183 -17.76 -8.19 -3.76
C HIS A 183 -17.27 -7.10 -2.82
N LEU A 184 -17.46 -7.25 -1.52
CA LEU A 184 -17.09 -6.19 -0.60
C LEU A 184 -15.67 -6.26 -0.10
N ILE A 185 -15.14 -5.08 0.25
CA ILE A 185 -13.81 -5.02 0.84
C ILE A 185 -13.86 -4.10 2.06
N TRP A 186 -13.35 -4.57 3.20
CA TRP A 186 -13.23 -3.72 4.38
C TRP A 186 -11.72 -3.50 4.61
N ALA A 187 -11.30 -2.25 4.65
CA ALA A 187 -9.88 -1.98 4.90
C ALA A 187 -9.56 -2.43 6.34
N GLY A 188 -8.41 -3.05 6.55
CA GLY A 188 -8.07 -3.53 7.88
C GLY A 188 -6.91 -2.76 8.50
N PHE A 189 -6.36 -1.78 7.84
CA PHE A 189 -5.26 -0.94 8.29
C PHE A 189 -5.73 0.49 8.48
N ASP A 190 -6.01 0.86 9.73
CA ASP A 190 -6.57 2.16 10.08
C ASP A 190 -5.69 3.35 9.67
N GLU A 191 -4.37 3.15 9.70
CA GLU A 191 -3.41 4.17 9.30
C GLU A 191 -3.35 4.35 7.78
N MET A 192 -4.02 3.50 7.01
CA MET A 192 -4.04 3.62 5.56
C MET A 192 -5.47 3.74 5.05
N MET A 193 -6.36 4.31 5.88
CA MET A 193 -7.75 4.39 5.52
C MET A 193 -7.95 5.26 4.27
N LEU A 194 -7.28 6.41 4.22
CA LEU A 194 -7.47 7.30 3.06
C LEU A 194 -7.17 6.63 1.73
N PRO A 195 -5.95 6.13 1.48
CA PRO A 195 -5.64 5.48 0.21
C PRO A 195 -6.54 4.29 -0.04
N ALA A 196 -6.94 3.51 0.97
CA ALA A 196 -7.85 2.37 0.70
C ALA A 196 -9.21 2.89 0.27
N ALA A 197 -9.69 3.97 0.88
CA ALA A 197 -10.95 4.57 0.47
C ALA A 197 -10.88 5.15 -0.94
N SER A 198 -9.69 5.60 -1.38
CA SER A 198 -9.54 6.11 -2.73
C SER A 198 -9.77 5.01 -3.75
N LEU A 199 -9.51 3.75 -3.37
CA LEU A 199 -9.70 2.60 -4.23
C LEU A 199 -11.07 1.96 -4.09
N GLY A 200 -11.99 2.60 -3.41
CA GLY A 200 -13.37 2.16 -3.30
C GLY A 200 -13.71 1.09 -2.28
N VAL A 201 -12.93 0.95 -1.21
CA VAL A 201 -13.31 -0.08 -0.22
C VAL A 201 -14.69 0.31 0.31
N ASP A 202 -15.45 -0.67 0.78
CA ASP A 202 -16.82 -0.47 1.23
C ASP A 202 -16.97 -0.16 2.71
N GLY A 203 -15.85 -0.26 3.44
CA GLY A 203 -15.90 0.03 4.86
C GLY A 203 -14.51 -0.26 5.44
N ALA A 204 -14.51 -0.27 6.76
CA ALA A 204 -13.22 -0.51 7.45
C ALA A 204 -13.48 -1.22 8.76
N ILE A 205 -12.60 -2.16 9.08
CA ILE A 205 -12.72 -2.85 10.39
C ILE A 205 -11.41 -2.57 11.09
N GLY A 206 -11.41 -1.98 12.29
CA GLY A 206 -10.14 -1.60 12.91
C GLY A 206 -10.17 -1.50 14.42
N SER A 207 -8.99 -1.69 15.02
CA SER A 207 -8.88 -1.59 16.48
C SER A 207 -8.92 -0.15 17.00
N THR A 208 -8.38 0.80 16.25
CA THR A 208 -8.31 2.17 16.77
C THR A 208 -9.66 2.85 16.74
N PHE A 209 -10.66 2.29 16.05
CA PHE A 209 -12.00 2.89 16.04
C PHE A 209 -12.66 2.76 17.40
N ASN A 210 -12.19 1.88 18.29
CA ASN A 210 -12.70 1.84 19.65
C ASN A 210 -12.50 3.16 20.38
N VAL A 211 -11.49 3.96 19.99
CA VAL A 211 -11.33 5.28 20.59
C VAL A 211 -11.35 6.44 19.57
N ASN A 212 -11.06 6.19 18.30
CA ASN A 212 -11.01 7.26 17.29
C ASN A 212 -12.08 7.12 16.22
N GLY A 213 -13.24 6.55 16.48
CA GLY A 213 -14.27 6.34 15.47
C GLY A 213 -14.81 7.60 14.80
N VAL A 214 -14.78 8.73 15.49
CA VAL A 214 -15.29 10.00 14.93
C VAL A 214 -14.41 10.40 13.76
N ARG A 215 -13.11 10.49 14.01
CA ARG A 215 -12.14 10.82 12.95
C ARG A 215 -12.18 9.75 11.86
N ALA A 216 -12.28 8.47 12.23
CA ALA A 216 -12.26 7.42 11.20
C ALA A 216 -13.41 7.58 10.22
N ARG A 217 -14.61 7.87 10.73
CA ARG A 217 -15.76 8.08 9.86
C ARG A 217 -15.50 9.31 8.98
N GLN A 218 -14.97 10.39 9.56
CA GLN A 218 -14.67 11.57 8.73
C GLN A 218 -13.74 11.24 7.57
N ILE A 219 -12.63 10.55 7.86
CA ILE A 219 -11.70 10.25 6.76
C ILE A 219 -12.40 9.47 5.67
N PHE A 220 -13.14 8.45 6.06
CA PHE A 220 -13.84 7.61 5.10
C PHE A 220 -14.86 8.42 4.29
N GLU A 221 -15.71 9.19 4.97
CA GLU A 221 -16.75 9.91 4.20
C GLU A 221 -16.16 11.05 3.40
N LEU A 222 -15.16 11.74 3.92
CA LEU A 222 -14.54 12.84 3.15
C LEU A 222 -13.85 12.28 1.92
N THR A 223 -13.11 11.17 2.07
CA THR A 223 -12.44 10.61 0.90
C THR A 223 -13.42 10.20 -0.20
N LYS A 224 -14.51 9.56 0.17
CA LYS A 224 -15.53 9.15 -0.80
C LYS A 224 -16.14 10.35 -1.50
N ALA A 225 -16.26 11.50 -0.84
CA ALA A 225 -16.77 12.71 -1.49
C ALA A 225 -15.70 13.44 -2.29
N GLY A 226 -14.48 12.92 -2.39
CA GLY A 226 -13.38 13.51 -3.11
C GLY A 226 -12.71 14.66 -2.40
N LYS A 227 -13.03 14.90 -1.13
CA LYS A 227 -12.41 15.97 -0.35
C LYS A 227 -11.08 15.52 0.25
N LEU A 228 -10.07 15.32 -0.60
CA LEU A 228 -8.78 14.80 -0.25
C LEU A 228 -7.97 15.62 0.73
N LYS A 229 -7.91 16.93 0.53
CA LYS A 229 -7.17 17.78 1.43
C LYS A 229 -7.70 17.69 2.86
N GLU A 230 -9.02 17.77 3.03
CA GLU A 230 -9.63 17.66 4.35
C GLU A 230 -9.43 16.28 4.96
N ALA A 231 -9.66 15.27 4.12
CA ALA A 231 -9.46 13.89 4.61
C ALA A 231 -8.01 13.67 5.05
N LEU A 232 -7.04 14.14 4.27
CA LEU A 232 -5.63 13.94 4.59
C LEU A 232 -5.23 14.60 5.89
N GLU A 233 -5.82 15.77 6.16
CA GLU A 233 -5.54 16.46 7.42
C GLU A 233 -5.99 15.60 8.60
N ILE A 234 -7.18 15.00 8.49
CA ILE A 234 -7.69 14.15 9.58
C ILE A 234 -6.91 12.85 9.63
N GLN A 235 -6.44 12.32 8.51
CA GLN A 235 -5.60 11.13 8.52
C GLN A 235 -4.26 11.45 9.19
N HIS A 236 -3.74 12.67 9.00
CA HIS A 236 -2.49 13.08 9.62
C HIS A 236 -2.60 13.09 11.14
N VAL A 237 -3.68 13.70 11.65
CA VAL A 237 -3.87 13.73 13.11
C VAL A 237 -4.09 12.32 13.62
N THR A 238 -4.93 11.56 12.91
CA THR A 238 -5.16 10.16 13.26
C THR A 238 -3.85 9.40 13.36
N ASN A 239 -2.96 9.55 12.37
CA ASN A 239 -1.70 8.81 12.34
C ASN A 239 -0.69 9.25 13.35
N ASP A 240 -0.77 10.50 13.84
CA ASP A 240 0.06 10.88 14.97
C ASP A 240 -0.43 10.06 16.19
N LEU A 241 -1.75 9.96 16.35
CA LEU A 241 -2.31 9.16 17.45
C LEU A 241 -1.90 7.69 17.34
N ILE A 242 -2.10 7.12 16.16
CA ILE A 242 -1.76 5.72 15.91
C ILE A 242 -0.27 5.46 16.10
N GLU A 243 0.59 6.36 15.63
CA GLU A 243 2.03 6.19 15.82
C GLU A 243 2.34 6.05 17.31
N GLY A 244 1.75 6.93 18.13
CA GLY A 244 1.95 6.88 19.57
C GLY A 244 1.37 5.62 20.19
N ILE A 245 0.19 5.18 19.75
CA ILE A 245 -0.44 3.97 20.26
C ILE A 245 0.46 2.76 19.96
N LEU A 246 0.95 2.68 18.72
CA LEU A 246 1.80 1.56 18.34
C LEU A 246 3.10 1.51 19.13
N ALA A 247 3.75 2.65 19.34
CA ALA A 247 5.01 2.72 20.08
C ALA A 247 4.82 2.35 21.55
N ASN A 248 3.70 2.73 22.16
CA ASN A 248 3.42 2.45 23.55
C ASN A 248 2.84 1.07 23.78
N GLY A 249 2.39 0.35 22.76
CA GLY A 249 1.80 -0.98 22.98
C GLY A 249 0.32 -0.88 22.60
N LEU A 250 0.00 -1.43 21.42
CA LEU A 250 -1.34 -1.26 20.86
C LEU A 250 -2.52 -1.63 21.73
N TYR A 251 -2.61 -2.89 22.13
N TYR A 251 -2.74 -2.90 22.13
CA TYR A 251 -3.75 -3.34 22.91
CA TYR A 251 -4.00 -3.14 22.87
C TYR A 251 -3.90 -2.58 24.22
C TYR A 251 -3.95 -2.57 24.27
N LEU A 252 -2.82 -2.56 24.98
CA LEU A 252 -2.80 -1.91 26.29
C LEU A 252 -3.07 -0.41 26.16
N THR A 253 -2.53 0.25 25.13
CA THR A 253 -2.77 1.70 25.05
C THR A 253 -4.23 1.99 24.74
N ILE A 254 -4.88 1.22 23.85
CA ILE A 254 -6.28 1.51 23.59
C ILE A 254 -7.10 1.28 24.85
N LYS A 255 -6.77 0.22 25.62
CA LYS A 255 -7.53 -0.01 26.85
C LYS A 255 -7.31 1.13 27.84
N GLU A 256 -6.08 1.62 27.96
CA GLU A 256 -5.83 2.71 28.89
C GLU A 256 -6.55 3.98 28.43
N LEU A 257 -6.59 4.20 27.12
CA LEU A 257 -7.33 5.36 26.60
C LEU A 257 -8.80 5.23 26.96
N LEU A 258 -9.37 4.02 26.80
CA LEU A 258 -10.76 3.80 27.19
C LEU A 258 -10.98 4.01 28.68
N LYS A 259 -10.04 3.59 29.55
CA LYS A 259 -10.19 3.80 30.99
C LYS A 259 -10.25 5.28 31.33
N LEU A 260 -9.51 6.11 30.60
CA LEU A 260 -9.54 7.56 30.84
C LEU A 260 -10.89 8.15 30.46
N GLU A 261 -11.71 7.47 29.66
CA GLU A 261 -13.05 7.85 29.32
C GLU A 261 -14.08 7.26 30.29
N GLY A 262 -13.66 6.53 31.31
CA GLY A 262 -14.57 5.92 32.26
C GLY A 262 -15.02 4.53 31.84
N VAL A 263 -14.38 3.92 30.85
CA VAL A 263 -14.73 2.57 30.42
C VAL A 263 -13.78 1.57 31.09
N ASP A 264 -14.29 0.60 31.82
CA ASP A 264 -13.46 -0.39 32.50
C ASP A 264 -12.92 -1.40 31.50
N ALA A 265 -11.98 -1.00 30.64
CA ALA A 265 -11.42 -1.83 29.60
C ALA A 265 -10.50 -2.91 30.14
N GLY A 266 -10.13 -2.87 31.42
CA GLY A 266 -9.39 -3.92 32.06
C GLY A 266 -7.96 -4.20 31.63
N TYR A 267 -7.57 -5.47 31.81
CA TYR A 267 -6.22 -5.90 31.53
C TYR A 267 -6.14 -6.62 30.18
N CYS A 268 -4.92 -6.87 29.72
CA CYS A 268 -4.79 -7.70 28.52
C CYS A 268 -4.72 -9.15 29.00
N ARG A 269 -4.89 -10.09 28.08
CA ARG A 269 -4.90 -11.52 28.44
C ARG A 269 -3.52 -12.13 28.22
N GLU A 270 -3.02 -12.88 29.20
CA GLU A 270 -1.74 -13.55 29.04
C GLU A 270 -1.72 -14.72 28.08
N PRO A 271 -0.82 -14.70 27.12
CA PRO A 271 0.58 -14.46 27.17
C PRO A 271 0.90 -13.02 26.77
N MET A 272 -0.07 -12.19 26.36
CA MET A 272 0.28 -10.77 26.16
C MET A 272 0.54 -10.15 27.55
N THR A 273 1.37 -9.12 27.67
CA THR A 273 1.61 -8.54 29.01
C THR A 273 0.29 -8.00 29.53
N SER A 274 -0.16 -8.43 30.70
CA SER A 274 -1.50 -8.04 31.14
C SER A 274 -1.63 -6.65 31.73
N LYS A 275 -0.62 -6.16 32.41
CA LYS A 275 -0.75 -4.84 33.07
C LYS A 275 0.15 -3.80 32.42
N ALA A 276 -0.38 -2.59 32.25
CA ALA A 276 0.41 -1.51 31.66
C ALA A 276 1.43 -1.02 32.69
N THR A 277 2.61 -0.62 32.25
CA THR A 277 3.59 -0.08 33.18
C THR A 277 3.21 1.37 33.52
N ALA A 278 3.88 1.98 34.49
CA ALA A 278 3.59 3.40 34.79
C ALA A 278 3.91 4.29 33.59
N GLU A 279 4.95 3.97 32.85
CA GLU A 279 5.34 4.73 31.66
C GLU A 279 4.28 4.61 30.57
N GLN A 280 3.72 3.41 30.38
CA GLN A 280 2.67 3.22 29.38
C GLN A 280 1.40 3.98 29.75
N VAL A 281 1.09 3.99 31.06
CA VAL A 281 -0.08 4.73 31.53
C VAL A 281 0.14 6.22 31.31
N ALA A 282 1.32 6.72 31.65
CA ALA A 282 1.61 8.16 31.49
C ALA A 282 1.52 8.56 30.03
N LYS A 283 2.05 7.71 29.14
CA LYS A 283 1.98 8.02 27.73
C LYS A 283 0.54 7.97 27.23
N ALA A 284 -0.28 7.03 27.69
CA ALA A 284 -1.68 7.01 27.28
C ALA A 284 -2.37 8.31 27.66
N LYS A 285 -2.09 8.83 28.86
CA LYS A 285 -2.71 10.11 29.28
C LYS A 285 -2.27 11.28 28.43
N ASP A 286 -1.01 11.27 28.01
CA ASP A 286 -0.53 12.34 27.13
C ASP A 286 -1.20 12.26 25.77
N LEU A 287 -1.37 11.05 25.22
CA LEU A 287 -2.01 10.86 23.95
C LEU A 287 -3.48 11.27 24.02
N LYS A 288 -4.12 10.95 25.13
CA LYS A 288 -5.52 11.35 25.30
C LYS A 288 -5.63 12.88 25.32
N ALA A 289 -4.78 13.53 26.10
CA ALA A 289 -4.82 15.00 26.17
C ALA A 289 -4.62 15.63 24.79
N LYS A 290 -3.66 15.14 24.04
CA LYS A 290 -3.36 15.70 22.74
C LYS A 290 -4.37 15.39 21.64
N PHE A 291 -4.92 14.17 21.60
CA PHE A 291 -5.72 13.75 20.46
C PHE A 291 -7.15 13.38 20.70
N LEU A 292 -7.53 13.11 21.95
CA LEU A 292 -8.89 12.67 22.25
C LEU A 292 -9.48 13.52 23.37
N SER A 293 -9.19 14.82 23.27
CA SER A 293 -9.65 15.81 24.21
C SER A 293 -10.35 16.93 23.45
N MET B 1 16.20 25.81 -9.58
CA MET B 1 16.07 24.92 -10.75
C MET B 1 14.64 24.77 -11.27
N ARG B 2 14.58 24.14 -12.44
CA ARG B 2 13.41 23.79 -13.20
C ARG B 2 12.41 22.95 -12.41
N ASP B 3 11.12 23.12 -12.66
CA ASP B 3 10.07 22.40 -11.96
C ASP B 3 10.19 20.88 -12.17
N LEU B 4 10.30 20.13 -11.08
CA LEU B 4 10.43 18.67 -11.24
C LEU B 4 9.18 17.90 -10.84
N LYS B 5 8.05 18.59 -10.69
CA LYS B 5 6.82 17.85 -10.36
C LYS B 5 6.23 17.19 -11.58
N GLY B 6 5.31 16.25 -11.40
CA GLY B 6 4.61 15.67 -12.53
C GLY B 6 5.06 14.29 -12.98
N ILE B 7 4.78 14.01 -14.26
CA ILE B 7 4.98 12.70 -14.83
C ILE B 7 6.30 12.52 -15.59
N PHE B 8 7.12 11.63 -15.02
CA PHE B 8 8.41 11.32 -15.61
C PHE B 8 8.47 9.87 -16.08
N SER B 9 8.72 9.68 -17.37
CA SER B 9 8.91 8.29 -17.81
C SER B 9 10.33 7.85 -17.39
N ALA B 10 10.46 6.64 -16.89
CA ALA B 10 11.80 6.07 -16.62
C ALA B 10 12.24 5.58 -17.99
N LEU B 11 13.17 6.29 -18.61
CA LEU B 11 13.52 6.01 -19.99
C LEU B 11 14.06 4.61 -20.28
N LEU B 12 13.41 3.93 -21.21
CA LEU B 12 13.91 2.65 -21.72
C LEU B 12 14.96 2.95 -22.78
N VAL B 13 15.93 2.06 -22.94
CA VAL B 13 16.99 2.23 -23.93
C VAL B 13 16.87 1.18 -25.03
N SER B 14 17.09 1.56 -26.29
CA SER B 14 17.07 0.59 -27.37
C SER B 14 18.46 -0.04 -27.54
N PHE B 15 18.55 -1.37 -27.56
CA PHE B 15 19.85 -2.01 -27.77
C PHE B 15 19.81 -2.81 -29.07
N ASN B 16 20.99 -2.92 -29.67
CA ASN B 16 21.16 -3.74 -30.87
C ASN B 16 21.20 -5.19 -30.43
N GLU B 17 21.16 -6.11 -31.38
CA GLU B 17 21.24 -7.54 -31.09
C GLU B 17 22.50 -7.90 -30.31
N ASP B 18 23.59 -7.18 -30.60
CA ASP B 18 24.87 -7.44 -29.96
C ASP B 18 24.97 -6.78 -28.59
N GLY B 19 23.97 -6.08 -28.09
CA GLY B 19 24.00 -5.50 -26.77
C GLY B 19 24.43 -4.04 -26.73
N THR B 20 24.94 -3.51 -27.84
CA THR B 20 25.36 -2.13 -27.90
C THR B 20 24.13 -1.23 -28.02
N ILE B 21 24.31 0.03 -27.65
CA ILE B 21 23.23 1.02 -27.72
C ILE B 21 22.81 1.28 -29.17
N ASN B 22 21.52 1.27 -29.45
CA ASN B 22 21.03 1.64 -30.79
C ASN B 22 20.62 3.11 -30.65
N GLU B 23 21.48 4.02 -31.09
CA GLU B 23 21.23 5.44 -30.88
C GLU B 23 19.99 5.95 -31.59
N LYS B 24 19.77 5.54 -32.83
CA LYS B 24 18.58 5.98 -33.57
C LYS B 24 17.31 5.55 -32.85
N GLY B 25 17.31 4.31 -32.37
CA GLY B 25 16.14 3.80 -31.63
C GLY B 25 15.95 4.56 -30.33
N LEU B 26 17.04 4.84 -29.61
CA LEU B 26 16.93 5.55 -28.32
C LEU B 26 16.30 6.94 -28.54
N ARG B 27 16.77 7.63 -29.59
CA ARG B 27 16.22 8.95 -29.91
C ARG B 27 14.74 8.84 -30.27
N GLN B 28 14.32 7.78 -30.96
CA GLN B 28 12.88 7.62 -31.25
C GLN B 28 12.10 7.40 -29.96
N ILE B 29 12.68 6.66 -29.00
CA ILE B 29 12.00 6.42 -27.73
C ILE B 29 11.82 7.76 -27.01
N ILE B 30 12.85 8.58 -26.99
CA ILE B 30 12.81 9.89 -26.35
C ILE B 30 11.75 10.80 -27.01
N ARG B 31 11.75 10.85 -28.33
CA ARG B 31 10.77 11.66 -29.08
C ARG B 31 9.36 11.15 -28.79
N HIS B 32 9.15 9.84 -28.73
CA HIS B 32 7.84 9.28 -28.40
C HIS B 32 7.37 9.79 -27.04
N ASN B 33 8.25 9.76 -26.03
CA ASN B 33 7.86 10.25 -24.71
C ASN B 33 7.55 11.74 -24.68
N ILE B 34 8.40 12.57 -25.27
CA ILE B 34 8.14 14.01 -25.27
C ILE B 34 6.94 14.42 -26.11
N ASP B 35 6.88 13.95 -27.34
CA ASP B 35 5.88 14.39 -28.30
C ASP B 35 4.55 13.69 -28.23
N LYS B 36 4.54 12.40 -27.88
CA LYS B 36 3.28 11.64 -27.84
C LYS B 36 2.79 11.33 -26.44
N MET B 37 3.69 10.92 -25.54
CA MET B 37 3.29 10.63 -24.17
C MET B 37 3.13 11.91 -23.36
N LYS B 38 3.66 13.02 -23.85
CA LYS B 38 3.57 14.33 -23.23
C LYS B 38 4.00 14.34 -21.78
N VAL B 39 5.14 13.69 -21.51
CA VAL B 39 5.68 13.64 -20.17
C VAL B 39 6.20 15.01 -19.76
N ASP B 40 6.26 15.21 -18.46
CA ASP B 40 6.86 16.40 -17.89
C ASP B 40 8.38 16.25 -17.91
N GLY B 41 8.87 15.00 -17.90
CA GLY B 41 10.32 14.82 -17.88
C GLY B 41 10.68 13.34 -18.09
N LEU B 42 11.98 13.11 -18.14
CA LEU B 42 12.54 11.78 -18.29
C LEU B 42 13.49 11.53 -17.12
N TYR B 43 13.47 10.31 -16.61
CA TYR B 43 14.38 9.86 -15.56
C TYR B 43 15.34 8.91 -16.27
N VAL B 44 16.57 9.38 -16.50
CA VAL B 44 17.49 8.64 -17.35
C VAL B 44 18.48 7.82 -16.54
N GLY B 45 18.79 6.60 -16.98
CA GLY B 45 19.80 5.79 -16.32
C GLY B 45 19.28 5.04 -15.11
N GLY B 46 17.96 4.89 -14.97
CA GLY B 46 17.41 4.17 -13.85
C GLY B 46 17.31 2.67 -14.11
N SER B 47 16.62 1.94 -13.23
CA SER B 47 16.43 0.50 -13.44
C SER B 47 15.82 0.21 -14.79
N THR B 48 14.77 0.94 -15.18
CA THR B 48 14.09 0.74 -16.44
C THR B 48 14.99 0.93 -17.66
N GLY B 49 16.05 1.72 -17.55
CA GLY B 49 16.97 1.89 -18.67
C GLY B 49 18.00 0.77 -18.79
N GLU B 50 17.87 -0.30 -18.01
CA GLU B 50 18.79 -1.43 -17.99
C GLU B 50 20.21 -0.98 -17.66
N ASN B 51 20.28 0.09 -16.88
CA ASN B 51 21.48 0.81 -16.52
C ASN B 51 22.51 -0.07 -15.79
N PHE B 52 22.01 -0.88 -14.87
CA PHE B 52 22.96 -1.63 -14.04
C PHE B 52 23.70 -2.75 -14.73
N MET B 53 23.35 -3.12 -15.95
CA MET B 53 24.06 -4.11 -16.72
C MET B 53 25.06 -3.47 -17.67
N LEU B 54 25.28 -2.15 -17.57
CA LEU B 54 26.11 -1.42 -18.50
C LEU B 54 27.44 -0.88 -17.98
N SER B 55 28.36 -0.54 -18.90
CA SER B 55 29.65 -0.01 -18.47
C SER B 55 29.48 1.47 -18.13
N THR B 56 30.48 2.05 -17.47
CA THR B 56 30.41 3.50 -17.20
C THR B 56 30.32 4.29 -18.49
N GLU B 57 31.09 3.90 -19.52
CA GLU B 57 31.07 4.61 -20.78
C GLU B 57 29.73 4.49 -21.49
N GLU B 58 29.07 3.33 -21.37
CA GLU B 58 27.73 3.19 -21.99
C GLU B 58 26.75 4.10 -21.27
N LYS B 59 26.83 4.17 -19.93
CA LYS B 59 25.94 5.08 -19.20
C LYS B 59 26.15 6.52 -19.65
N LYS B 60 27.41 6.94 -19.82
CA LYS B 60 27.68 8.29 -20.33
C LYS B 60 27.11 8.52 -21.72
N GLU B 61 27.21 7.54 -22.63
CA GLU B 61 26.66 7.71 -23.97
C GLU B 61 25.15 7.93 -23.91
N ILE B 62 24.46 7.14 -23.08
CA ILE B 62 23.01 7.31 -22.90
C ILE B 62 22.70 8.68 -22.33
N PHE B 63 23.46 9.14 -21.32
CA PHE B 63 23.19 10.49 -20.80
C PHE B 63 23.41 11.53 -21.91
N ARG B 64 24.44 11.37 -22.72
CA ARG B 64 24.67 12.36 -23.78
C ARG B 64 23.54 12.37 -24.80
N ILE B 65 23.17 11.21 -25.29
CA ILE B 65 22.10 11.09 -26.30
C ILE B 65 20.79 11.66 -25.78
N ALA B 66 20.40 11.29 -24.55
CA ALA B 66 19.10 11.78 -24.05
C ALA B 66 19.06 13.29 -23.91
N LYS B 67 20.12 13.92 -23.44
CA LYS B 67 20.18 15.37 -23.26
C LYS B 67 20.23 16.08 -24.62
N ASP B 68 21.00 15.52 -25.55
CA ASP B 68 21.03 16.10 -26.90
C ASP B 68 19.69 16.01 -27.59
N GLU B 69 18.95 14.90 -27.41
CA GLU B 69 17.67 14.76 -28.09
C GLU B 69 16.56 15.56 -27.42
N ALA B 70 16.56 15.60 -26.09
CA ALA B 70 15.52 16.32 -25.36
C ALA B 70 15.79 17.82 -25.27
N LYS B 71 17.04 18.23 -25.31
CA LYS B 71 17.41 19.64 -25.18
C LYS B 71 16.74 20.25 -23.95
N ASP B 72 16.00 21.35 -24.11
CA ASP B 72 15.37 21.96 -22.93
C ASP B 72 13.86 21.83 -22.97
N GLN B 73 13.34 20.94 -23.79
CA GLN B 73 11.92 20.69 -23.94
C GLN B 73 11.25 20.15 -22.68
N ILE B 74 11.94 19.36 -21.86
CA ILE B 74 11.38 18.74 -20.66
C ILE B 74 12.40 18.70 -19.53
N ALA B 75 12.01 18.32 -18.32
CA ALA B 75 12.96 18.22 -17.21
C ALA B 75 13.69 16.87 -17.33
N LEU B 76 14.94 16.82 -16.90
CA LEU B 76 15.72 15.60 -17.03
C LEU B 76 16.42 15.29 -15.70
N ILE B 77 16.20 14.09 -15.18
CA ILE B 77 16.83 13.67 -13.94
C ILE B 77 17.81 12.54 -14.30
N ALA B 78 19.00 12.54 -13.70
CA ALA B 78 19.97 11.50 -14.07
C ALA B 78 20.24 10.59 -12.88
N GLN B 79 19.90 9.31 -13.03
CA GLN B 79 20.15 8.33 -11.96
C GLN B 79 21.61 7.88 -12.13
N VAL B 80 22.43 8.12 -11.12
CA VAL B 80 23.86 7.84 -11.21
C VAL B 80 24.34 6.90 -10.11
N GLY B 81 23.39 6.35 -9.36
CA GLY B 81 23.76 5.43 -8.29
C GLY B 81 24.50 4.17 -8.71
N SER B 82 25.24 3.58 -7.78
CA SER B 82 26.03 2.38 -8.09
C SER B 82 26.54 1.73 -6.82
N VAL B 83 27.10 0.51 -6.88
CA VAL B 83 27.78 -0.03 -5.70
C VAL B 83 29.13 0.65 -5.57
N ASN B 84 29.63 1.19 -6.67
CA ASN B 84 30.88 1.93 -6.73
C ASN B 84 30.60 3.43 -6.59
N LEU B 85 31.00 3.97 -5.44
CA LEU B 85 30.78 5.41 -5.16
C LEU B 85 31.63 6.29 -6.05
N LYS B 86 32.84 5.84 -6.43
CA LYS B 86 33.65 6.65 -7.34
C LYS B 86 32.98 6.74 -8.71
N GLU B 87 32.31 5.67 -9.11
CA GLU B 87 31.60 5.68 -10.39
C GLU B 87 30.37 6.57 -10.29
N ALA B 88 29.67 6.56 -9.16
CA ALA B 88 28.51 7.42 -8.94
C ALA B 88 28.92 8.88 -9.03
N VAL B 89 30.05 9.24 -8.44
CA VAL B 89 30.59 10.61 -8.50
C VAL B 89 30.96 10.97 -9.93
N GLU B 90 31.63 10.05 -10.63
CA GLU B 90 32.04 10.30 -12.01
C GLU B 90 30.80 10.51 -12.90
N LEU B 91 29.79 9.66 -12.76
CA LEU B 91 28.58 9.83 -13.56
C LEU B 91 27.82 11.09 -13.14
N GLY B 92 27.80 11.36 -11.85
CA GLY B 92 27.11 12.58 -11.36
C GLY B 92 27.78 13.83 -11.95
N LYS B 93 29.12 13.86 -11.95
CA LYS B 93 29.82 15.02 -12.51
C LYS B 93 29.52 15.19 -13.99
N TYR B 94 29.49 14.09 -14.74
CA TYR B 94 29.19 14.15 -16.18
C TYR B 94 27.77 14.58 -16.48
N ALA B 95 26.78 14.03 -15.74
CA ALA B 95 25.40 14.45 -15.95
C ALA B 95 25.24 15.92 -15.58
N THR B 96 25.92 16.37 -14.52
CA THR B 96 25.84 17.78 -14.10
C THR B 96 26.42 18.63 -15.23
N GLU B 97 27.56 18.22 -15.75
CA GLU B 97 28.16 18.91 -16.89
C GLU B 97 27.27 19.00 -18.11
N LEU B 98 26.51 17.96 -18.43
CA LEU B 98 25.60 17.95 -19.55
C LEU B 98 24.37 18.83 -19.34
N GLY B 99 24.12 19.25 -18.10
CA GLY B 99 23.00 20.13 -17.82
C GLY B 99 21.78 19.42 -17.27
N TYR B 100 21.93 18.19 -16.77
CA TYR B 100 20.75 17.52 -16.18
C TYR B 100 20.18 18.38 -15.05
N ASP B 101 18.87 18.39 -14.85
CA ASP B 101 18.29 19.26 -13.82
C ASP B 101 18.56 18.84 -12.39
N CYS B 102 18.78 17.55 -12.16
CA CYS B 102 19.14 17.07 -10.81
C CYS B 102 19.58 15.60 -10.95
N LEU B 103 20.21 15.08 -9.93
CA LEU B 103 20.66 13.70 -9.94
C LEU B 103 19.73 12.90 -9.02
N SER B 104 19.86 11.59 -9.13
CA SER B 104 19.15 10.66 -8.28
C SER B 104 20.10 9.46 -8.11
N ALA B 105 19.93 8.72 -7.02
CA ALA B 105 20.82 7.57 -6.86
C ALA B 105 20.15 6.49 -6.01
N VAL B 106 20.16 5.29 -6.55
CA VAL B 106 19.67 4.12 -5.81
C VAL B 106 20.56 3.97 -4.57
N THR B 107 20.08 3.37 -3.51
CA THR B 107 20.94 3.10 -2.35
C THR B 107 21.95 2.06 -2.82
N PRO B 108 23.19 2.12 -2.35
CA PRO B 108 24.23 1.20 -2.76
C PRO B 108 23.75 -0.21 -2.42
N PHE B 109 23.96 -1.15 -3.33
CA PHE B 109 23.42 -2.50 -3.17
C PHE B 109 24.50 -3.57 -3.15
N TYR B 110 24.15 -4.83 -3.37
CA TYR B 110 25.05 -5.97 -3.30
C TYR B 110 25.48 -6.11 -1.83
N TYR B 111 26.30 -5.28 -1.22
CA TYR B 111 26.60 -5.41 0.19
C TYR B 111 25.46 -4.81 1.01
N LYS B 112 25.43 -5.19 2.28
CA LYS B 112 24.45 -4.61 3.19
C LYS B 112 25.10 -3.35 3.77
N PHE B 113 24.63 -2.16 3.48
CA PHE B 113 25.29 -0.97 4.05
C PHE B 113 24.47 -0.47 5.26
N SER B 114 25.15 0.15 6.21
CA SER B 114 24.43 0.70 7.37
C SER B 114 23.80 2.03 6.94
N PHE B 115 22.94 2.59 7.80
CA PHE B 115 22.36 3.89 7.43
C PHE B 115 23.41 4.98 7.29
N PRO B 116 24.36 5.12 8.22
CA PRO B 116 25.43 6.10 8.12
C PRO B 116 26.22 5.95 6.82
N GLU B 117 26.48 4.74 6.35
CA GLU B 117 27.17 4.53 5.08
C GLU B 117 26.35 5.04 3.91
N ILE B 118 25.04 4.81 3.96
CA ILE B 118 24.10 5.26 2.93
C ILE B 118 24.04 6.79 2.91
N LYS B 119 23.98 7.41 4.11
CA LYS B 119 23.95 8.89 4.12
C LYS B 119 25.25 9.47 3.60
N HIS B 120 26.39 8.87 3.99
CA HIS B 120 27.70 9.35 3.53
C HIS B 120 27.79 9.22 2.01
N TYR B 121 27.23 8.14 1.46
CA TYR B 121 27.19 7.93 0.01
C TYR B 121 26.45 9.08 -0.67
N TYR B 122 25.23 9.40 -0.22
CA TYR B 122 24.52 10.53 -0.82
C TYR B 122 25.24 11.86 -0.57
N ASP B 123 25.74 12.08 0.63
CA ASP B 123 26.42 13.37 0.88
C ASP B 123 27.65 13.53 -0.01
N THR B 124 28.35 12.45 -0.31
CA THR B 124 29.55 12.50 -1.16
C THR B 124 29.18 12.79 -2.59
N ILE B 125 28.12 12.17 -3.14
CA ILE B 125 27.73 12.47 -4.53
C ILE B 125 27.38 13.95 -4.64
N ILE B 126 26.59 14.42 -3.67
CA ILE B 126 26.21 15.84 -3.66
C ILE B 126 27.45 16.72 -3.52
N ALA B 127 28.34 16.45 -2.57
CA ALA B 127 29.49 17.32 -2.35
C ALA B 127 30.42 17.40 -3.56
N GLU B 128 30.65 16.24 -4.19
CA GLU B 128 31.55 16.19 -5.34
C GLU B 128 30.95 16.72 -6.63
N THR B 129 29.66 16.79 -6.81
CA THR B 129 29.08 17.28 -8.06
C THR B 129 28.50 18.68 -7.96
N GLY B 130 28.03 19.07 -6.78
CA GLY B 130 27.35 20.35 -6.60
C GLY B 130 25.88 20.28 -7.00
N SER B 131 25.36 19.11 -7.33
CA SER B 131 23.99 18.94 -7.76
C SER B 131 23.06 18.48 -6.66
N ASN B 132 21.78 18.79 -6.84
CA ASN B 132 20.75 18.36 -5.90
C ASN B 132 20.52 16.87 -6.14
N MET B 133 19.84 16.22 -5.20
CA MET B 133 19.70 14.77 -5.26
C MET B 133 18.32 14.26 -4.87
N ILE B 134 17.87 13.21 -5.58
CA ILE B 134 16.60 12.56 -5.23
C ILE B 134 17.02 11.17 -4.76
N VAL B 135 16.66 10.83 -3.52
CA VAL B 135 17.05 9.51 -3.01
C VAL B 135 16.00 8.48 -3.43
N TYR B 136 16.36 7.24 -3.10
N TYR B 136 16.25 7.17 -3.25
CA TYR B 136 15.44 6.14 -3.29
CA TYR B 136 15.28 6.11 -3.63
C TYR B 136 14.90 5.75 -1.91
C TYR B 136 15.04 5.21 -2.40
N SER B 137 13.81 4.99 -1.97
CA SER B 137 13.32 4.52 -0.68
C SER B 137 14.46 3.92 0.15
N MET B 146 14.14 2.18 4.75
CA MET B 146 14.44 3.32 5.62
C MET B 146 13.15 3.83 6.24
N GLY B 147 13.22 4.44 7.42
CA GLY B 147 12.01 4.95 8.08
C GLY B 147 12.05 6.48 8.17
N ILE B 148 11.14 7.08 8.93
CA ILE B 148 11.05 8.52 9.07
C ILE B 148 12.26 9.18 9.68
N GLU B 149 12.87 8.60 10.72
CA GLU B 149 14.06 9.22 11.30
C GLU B 149 15.22 9.24 10.30
N GLN B 150 15.35 8.20 9.50
CA GLN B 150 16.42 8.13 8.50
C GLN B 150 16.21 9.12 7.37
N PHE B 151 14.97 9.30 6.93
CA PHE B 151 14.72 10.34 5.91
C PHE B 151 15.09 11.70 6.49
N GLY B 152 14.76 11.94 7.77
CA GLY B 152 15.13 13.19 8.40
C GLY B 152 16.63 13.45 8.39
N GLU B 153 17.40 12.41 8.66
CA GLU B 153 18.86 12.51 8.62
C GLU B 153 19.35 12.83 7.22
N LEU B 154 18.75 12.17 6.20
CA LEU B 154 19.13 12.48 4.83
C LEU B 154 18.76 13.93 4.47
N TYR B 155 17.60 14.38 4.95
CA TYR B 155 17.10 15.72 4.67
C TYR B 155 17.81 16.84 5.40
N LYS B 156 18.75 16.50 6.29
CA LYS B 156 19.61 17.48 6.93
C LYS B 156 20.49 18.13 5.88
N ASN B 157 20.77 17.41 4.77
CA ASN B 157 21.53 17.99 3.67
C ASN B 157 20.50 18.76 2.85
N PRO B 158 20.61 20.08 2.75
CA PRO B 158 19.66 20.90 2.03
C PRO B 158 19.60 20.67 0.53
N LYS B 159 20.51 19.88 -0.03
CA LYS B 159 20.55 19.57 -1.44
C LYS B 159 19.84 18.24 -1.72
N VAL B 160 19.28 17.60 -0.70
CA VAL B 160 18.44 16.41 -0.92
C VAL B 160 17.02 16.94 -1.12
N LEU B 161 16.44 16.77 -2.30
CA LEU B 161 15.13 17.30 -2.59
C LEU B 161 13.96 16.41 -2.19
N GLY B 162 14.19 15.11 -2.08
CA GLY B 162 13.02 14.24 -1.85
C GLY B 162 13.35 12.81 -2.33
N VAL B 163 12.32 12.03 -2.56
CA VAL B 163 12.53 10.61 -2.80
C VAL B 163 11.63 10.03 -3.86
N LYS B 164 12.25 9.09 -4.60
CA LYS B 164 11.55 8.26 -5.57
C LYS B 164 11.11 7.05 -4.72
N PHE B 165 9.84 7.06 -4.36
CA PHE B 165 9.26 6.14 -3.39
C PHE B 165 8.79 4.85 -4.02
N THR B 166 9.45 3.76 -3.64
CA THR B 166 9.07 2.45 -4.16
C THR B 166 8.51 1.51 -3.12
N ALA B 167 8.79 1.73 -1.84
CA ALA B 167 8.26 0.83 -0.81
C ALA B 167 6.74 0.75 -0.94
N GLY B 168 6.17 -0.45 -0.86
CA GLY B 168 4.69 -0.57 -0.89
C GLY B 168 4.23 -0.39 0.58
N ASP B 169 4.34 0.84 1.07
CA ASP B 169 4.00 1.16 2.45
C ASP B 169 3.39 2.54 2.47
N PHE B 170 2.04 2.55 2.40
CA PHE B 170 1.31 3.81 2.36
C PHE B 170 1.17 4.49 3.71
N TYR B 171 1.53 3.80 4.79
CA TYR B 171 1.56 4.43 6.12
C TYR B 171 2.83 5.29 6.18
N LEU B 172 3.96 4.70 5.77
CA LEU B 172 5.21 5.45 5.67
C LEU B 172 5.07 6.62 4.71
N LEU B 173 4.36 6.44 3.59
CA LEU B 173 4.18 7.54 2.63
C LEU B 173 3.47 8.72 3.27
N GLU B 174 2.39 8.43 4.02
CA GLU B 174 1.67 9.48 4.75
C GLU B 174 2.55 10.15 5.78
N ARG B 175 3.31 9.36 6.56
CA ARG B 175 4.20 9.90 7.58
C ARG B 175 5.25 10.83 6.97
N LEU B 176 5.82 10.42 5.85
CA LEU B 176 6.84 11.23 5.16
C LEU B 176 6.27 12.55 4.67
N LYS B 177 5.07 12.53 4.10
CA LYS B 177 4.46 13.77 3.62
C LYS B 177 4.11 14.68 4.78
N LYS B 178 3.71 14.11 5.93
CA LYS B 178 3.43 14.95 7.08
C LYS B 178 4.68 15.55 7.71
N ALA B 179 5.68 14.71 7.94
CA ALA B 179 6.89 15.14 8.63
C ALA B 179 7.75 16.06 7.81
N TYR B 180 7.83 15.88 6.49
CA TYR B 180 8.69 16.68 5.62
C TYR B 180 7.87 17.23 4.47
N PRO B 181 7.01 18.21 4.77
CA PRO B 181 6.10 18.79 3.79
C PRO B 181 6.72 19.51 2.62
N ASN B 182 7.93 20.04 2.77
CA ASN B 182 8.60 20.77 1.73
C ASN B 182 9.50 19.88 0.86
N HIS B 183 9.56 18.59 1.18
CA HIS B 183 10.36 17.66 0.38
C HIS B 183 9.43 16.96 -0.59
N LEU B 184 9.92 16.66 -1.78
CA LEU B 184 9.06 16.06 -2.79
C LEU B 184 9.05 14.55 -2.73
N ILE B 185 7.95 14.01 -3.25
CA ILE B 185 7.83 12.55 -3.31
C ILE B 185 7.38 12.16 -4.71
N TRP B 186 8.09 11.23 -5.36
CA TRP B 186 7.59 10.74 -6.64
C TRP B 186 7.21 9.25 -6.47
N ALA B 187 5.99 8.91 -6.84
CA ALA B 187 5.51 7.54 -6.73
C ALA B 187 6.31 6.70 -7.72
N GLY B 188 6.79 5.54 -7.29
CA GLY B 188 7.60 4.69 -8.15
C GLY B 188 6.88 3.45 -8.64
N PHE B 189 5.63 3.29 -8.28
CA PHE B 189 4.81 2.11 -8.62
C PHE B 189 3.62 2.52 -9.47
N ASP B 190 3.70 2.34 -10.79
CA ASP B 190 2.66 2.81 -11.70
C ASP B 190 1.28 2.24 -11.42
N GLU B 191 1.24 1.00 -10.94
CA GLU B 191 0.00 0.31 -10.65
C GLU B 191 -0.66 0.78 -9.35
N MET B 192 0.00 1.63 -8.59
CA MET B 192 -0.55 2.22 -7.38
C MET B 192 -0.52 3.76 -7.44
N MET B 193 -0.64 4.29 -8.66
CA MET B 193 -0.62 5.74 -8.82
C MET B 193 -1.79 6.41 -8.08
N LEU B 194 -3.00 5.93 -8.21
CA LEU B 194 -4.17 6.53 -7.55
C LEU B 194 -4.03 6.69 -6.05
N PRO B 195 -3.79 5.62 -5.28
CA PRO B 195 -3.63 5.75 -3.84
C PRO B 195 -2.46 6.64 -3.48
N ALA B 196 -1.37 6.63 -4.29
CA ALA B 196 -0.25 7.51 -3.98
C ALA B 196 -0.65 8.98 -4.17
N ALA B 197 -1.33 9.27 -5.27
CA ALA B 197 -1.83 10.60 -5.55
C ALA B 197 -2.86 11.04 -4.52
N SER B 198 -3.63 10.12 -3.93
CA SER B 198 -4.62 10.49 -2.91
C SER B 198 -3.91 11.04 -1.68
N LEU B 199 -2.68 10.61 -1.41
CA LEU B 199 -1.87 11.11 -0.32
C LEU B 199 -0.98 12.30 -0.70
N GLY B 200 -1.15 12.90 -1.86
CA GLY B 200 -0.46 14.09 -2.27
C GLY B 200 0.95 13.96 -2.80
N VAL B 201 1.33 12.84 -3.43
CA VAL B 201 2.67 12.79 -4.01
C VAL B 201 2.76 13.87 -5.07
N ASP B 202 3.96 14.36 -5.34
CA ASP B 202 4.22 15.46 -6.26
C ASP B 202 4.36 15.06 -7.71
N GLY B 203 4.52 13.76 -7.93
CA GLY B 203 4.66 13.25 -9.30
C GLY B 203 4.90 11.73 -9.24
N ALA B 204 5.28 11.19 -10.38
CA ALA B 204 5.49 9.75 -10.51
C ALA B 204 6.60 9.53 -11.55
N ILE B 205 7.43 8.53 -11.29
CA ILE B 205 8.51 8.13 -12.19
C ILE B 205 8.19 6.67 -12.52
N GLY B 206 8.02 6.34 -13.81
CA GLY B 206 7.62 4.96 -14.07
C GLY B 206 7.93 4.49 -15.50
N SER B 207 8.11 3.17 -15.56
CA SER B 207 8.44 2.52 -16.82
C SER B 207 7.29 2.46 -17.80
N THR B 208 6.06 2.30 -17.28
CA THR B 208 4.92 2.11 -18.17
C THR B 208 4.46 3.39 -18.85
N PHE B 209 4.96 4.54 -18.43
CA PHE B 209 4.59 5.83 -18.99
C PHE B 209 5.16 5.97 -20.39
N ASN B 210 6.17 5.15 -20.75
CA ASN B 210 6.73 5.13 -22.09
C ASN B 210 5.67 4.80 -23.13
N VAL B 211 4.63 4.05 -22.77
CA VAL B 211 3.54 3.74 -23.67
C VAL B 211 2.17 4.15 -23.09
N ASN B 212 2.02 4.28 -21.77
CA ASN B 212 0.71 4.64 -21.21
C ASN B 212 0.67 6.00 -20.55
N GLY B 213 1.46 6.96 -21.04
CA GLY B 213 1.54 8.29 -20.48
C GLY B 213 0.22 9.06 -20.52
N VAL B 214 -0.66 8.81 -21.48
CA VAL B 214 -1.92 9.56 -21.49
C VAL B 214 -2.77 9.16 -20.28
N ARG B 215 -3.03 7.87 -20.10
CA ARG B 215 -3.77 7.42 -18.93
C ARG B 215 -3.09 7.81 -17.61
N ALA B 216 -1.76 7.71 -17.52
CA ALA B 216 -1.10 8.05 -16.27
C ALA B 216 -1.38 9.49 -15.87
N ARG B 217 -1.24 10.40 -16.84
CA ARG B 217 -1.53 11.82 -16.55
C ARG B 217 -2.99 11.96 -16.13
N GLN B 218 -3.89 11.27 -16.84
CA GLN B 218 -5.32 11.40 -16.48
C GLN B 218 -5.57 10.95 -15.04
N ILE B 219 -4.97 9.82 -14.67
CA ILE B 219 -5.15 9.34 -13.29
C ILE B 219 -4.66 10.36 -12.28
N PHE B 220 -3.43 10.85 -12.47
CA PHE B 220 -2.83 11.83 -11.58
C PHE B 220 -3.69 13.08 -11.45
N GLU B 221 -4.08 13.65 -12.59
CA GLU B 221 -4.89 14.87 -12.56
C GLU B 221 -6.29 14.66 -12.02
N LEU B 222 -6.96 13.57 -12.41
CA LEU B 222 -8.31 13.33 -11.87
C LEU B 222 -8.25 13.13 -10.36
N THR B 223 -7.22 12.38 -9.91
CA THR B 223 -7.09 12.15 -8.47
C THR B 223 -6.87 13.42 -7.67
N LYS B 224 -6.00 14.33 -8.15
CA LYS B 224 -5.78 15.59 -7.45
C LYS B 224 -7.04 16.45 -7.41
N ALA B 225 -7.91 16.33 -8.39
CA ALA B 225 -9.19 17.05 -8.41
C ALA B 225 -10.26 16.36 -7.56
N GLY B 226 -10.00 15.19 -6.97
CA GLY B 226 -10.96 14.50 -6.13
C GLY B 226 -11.95 13.69 -6.92
N LYS B 227 -11.67 13.46 -8.20
CA LYS B 227 -12.54 12.69 -9.08
C LYS B 227 -12.07 11.23 -9.07
N LEU B 228 -12.26 10.65 -7.88
CA LEU B 228 -11.77 9.31 -7.58
C LEU B 228 -12.46 8.19 -8.30
N LYS B 229 -13.78 8.23 -8.58
CA LYS B 229 -14.39 7.13 -9.31
C LYS B 229 -13.85 7.08 -10.74
N GLU B 230 -13.73 8.25 -11.38
CA GLU B 230 -13.22 8.24 -12.75
C GLU B 230 -11.74 7.84 -12.79
N ALA B 231 -10.96 8.33 -11.82
CA ALA B 231 -9.55 7.98 -11.75
C ALA B 231 -9.38 6.47 -11.58
N LEU B 232 -10.22 5.89 -10.73
CA LEU B 232 -10.19 4.45 -10.51
C LEU B 232 -10.52 3.69 -11.79
N GLU B 233 -11.42 4.16 -12.64
CA GLU B 233 -11.75 3.46 -13.88
C GLU B 233 -10.51 3.37 -14.78
N ILE B 234 -9.80 4.50 -14.90
CA ILE B 234 -8.60 4.60 -15.70
C ILE B 234 -7.46 3.79 -15.05
N GLN B 235 -7.38 3.76 -13.73
CA GLN B 235 -6.37 2.90 -13.08
C GLN B 235 -6.69 1.43 -13.34
N HIS B 236 -7.98 1.06 -13.39
CA HIS B 236 -8.33 -0.33 -13.69
C HIS B 236 -7.86 -0.73 -15.08
N VAL B 237 -8.13 0.11 -16.10
CA VAL B 237 -7.69 -0.24 -17.45
C VAL B 237 -6.15 -0.26 -17.51
N THR B 238 -5.53 0.74 -16.89
CA THR B 238 -4.07 0.79 -16.82
C THR B 238 -3.51 -0.49 -16.20
N ASN B 239 -4.13 -0.96 -15.12
CA ASN B 239 -3.58 -2.14 -14.42
C ASN B 239 -3.85 -3.42 -15.16
N ASP B 240 -4.89 -3.46 -16.02
CA ASP B 240 -5.11 -4.64 -16.87
C ASP B 240 -3.91 -4.71 -17.84
N LEU B 241 -3.55 -3.55 -18.37
CA LEU B 241 -2.39 -3.45 -19.26
C LEU B 241 -1.11 -3.80 -18.49
N ILE B 242 -0.92 -3.22 -17.31
CA ILE B 242 0.30 -3.54 -16.54
C ILE B 242 0.36 -5.01 -16.20
N GLU B 243 -0.78 -5.58 -15.79
CA GLU B 243 -0.79 -7.03 -15.49
C GLU B 243 -0.29 -7.83 -16.68
N GLY B 244 -0.77 -7.53 -17.89
CA GLY B 244 -0.29 -8.25 -19.08
C GLY B 244 1.19 -8.01 -19.34
N ILE B 245 1.67 -6.78 -19.16
CA ILE B 245 3.07 -6.41 -19.35
C ILE B 245 3.96 -7.19 -18.39
N LEU B 246 3.60 -7.22 -17.10
CA LEU B 246 4.39 -7.95 -16.13
C LEU B 246 4.45 -9.44 -16.42
N ALA B 247 3.32 -10.03 -16.80
CA ALA B 247 3.31 -11.47 -17.06
C ALA B 247 4.16 -11.84 -18.28
N ASN B 248 4.10 -11.02 -19.32
CA ASN B 248 4.82 -11.27 -20.57
C ASN B 248 6.31 -10.92 -20.50
N GLY B 249 6.76 -10.14 -19.52
CA GLY B 249 8.17 -9.74 -19.43
C GLY B 249 8.16 -8.20 -19.52
N LEU B 250 8.43 -7.50 -18.43
CA LEU B 250 8.28 -6.04 -18.39
C LEU B 250 9.02 -5.23 -19.43
N TYR B 251 10.36 -5.26 -19.49
CA TYR B 251 11.02 -4.38 -20.48
C TYR B 251 10.80 -4.83 -21.90
N LEU B 252 10.84 -6.13 -22.18
CA LEU B 252 10.60 -6.61 -23.53
C LEU B 252 9.18 -6.25 -24.00
N THR B 253 8.17 -6.37 -23.14
CA THR B 253 6.82 -6.06 -23.63
C THR B 253 6.67 -4.57 -23.93
N ILE B 254 7.23 -3.70 -23.09
CA ILE B 254 7.13 -2.26 -23.39
C ILE B 254 7.84 -1.97 -24.71
N LYS B 255 8.99 -2.57 -24.94
CA LYS B 255 9.71 -2.36 -26.21
C LYS B 255 8.90 -2.89 -27.38
N GLU B 256 8.26 -4.04 -27.23
CA GLU B 256 7.47 -4.60 -28.34
C GLU B 256 6.25 -3.73 -28.64
N LEU B 257 5.67 -3.15 -27.59
CA LEU B 257 4.57 -2.21 -27.78
C LEU B 257 5.05 -0.95 -28.49
N LEU B 258 6.27 -0.50 -28.15
CA LEU B 258 6.83 0.68 -28.83
C LEU B 258 7.07 0.37 -30.30
N LYS B 259 7.52 -0.84 -30.63
CA LYS B 259 7.73 -1.19 -32.03
C LYS B 259 6.45 -1.09 -32.85
N LEU B 260 5.32 -1.41 -32.21
CA LEU B 260 4.02 -1.34 -32.87
C LEU B 260 3.58 0.09 -33.15
N GLU B 261 4.22 1.05 -32.52
CA GLU B 261 4.01 2.46 -32.73
C GLU B 261 5.07 3.04 -33.66
N GLY B 262 5.88 2.18 -34.26
CA GLY B 262 6.92 2.59 -35.20
C GLY B 262 8.18 3.11 -34.54
N VAL B 263 8.39 2.75 -33.27
CA VAL B 263 9.58 3.19 -32.53
C VAL B 263 10.55 2.01 -32.52
N ASP B 264 11.78 2.19 -32.96
CA ASP B 264 12.78 1.11 -33.03
C ASP B 264 13.32 0.87 -31.63
N ALA B 265 12.54 0.27 -30.74
CA ALA B 265 12.91 0.11 -29.34
C ALA B 265 13.90 -1.02 -29.10
N GLY B 266 14.19 -1.80 -30.13
CA GLY B 266 15.20 -2.82 -30.10
C GLY B 266 15.04 -3.97 -29.12
N TYR B 267 16.20 -4.51 -28.73
CA TYR B 267 16.33 -5.66 -27.88
C TYR B 267 16.65 -5.26 -26.44
N CYS B 268 16.55 -6.22 -25.53
CA CYS B 268 16.97 -5.98 -24.14
C CYS B 268 18.46 -6.31 -24.07
N ARG B 269 19.11 -5.91 -22.99
CA ARG B 269 20.53 -6.13 -22.80
C ARG B 269 20.81 -7.37 -21.96
N GLU B 270 21.67 -8.26 -22.46
CA GLU B 270 22.04 -9.44 -21.67
C GLU B 270 22.87 -9.21 -20.44
N PRO B 271 22.45 -9.68 -19.30
CA PRO B 271 22.01 -10.99 -18.98
C PRO B 271 20.48 -11.08 -19.01
N MET B 272 19.76 -9.99 -19.29
CA MET B 272 18.32 -10.13 -19.46
C MET B 272 18.10 -10.82 -20.81
N THR B 273 17.03 -11.61 -20.95
CA THR B 273 16.79 -12.19 -22.27
C THR B 273 16.72 -11.07 -23.30
N SER B 274 17.56 -11.10 -24.33
CA SER B 274 17.61 -9.99 -25.28
C SER B 274 16.51 -9.98 -26.33
N LYS B 275 16.17 -11.17 -26.84
CA LYS B 275 15.19 -11.28 -27.90
C LYS B 275 13.84 -11.82 -27.47
N ALA B 276 12.79 -11.10 -27.82
CA ALA B 276 11.43 -11.49 -27.52
C ALA B 276 11.07 -12.76 -28.30
N THR B 277 10.51 -13.74 -27.59
CA THR B 277 10.05 -14.93 -28.31
C THR B 277 8.82 -14.57 -29.15
N ALA B 278 8.42 -15.47 -30.06
CA ALA B 278 7.21 -15.25 -30.85
C ALA B 278 6.00 -15.09 -29.94
N GLU B 279 5.93 -15.90 -28.87
CA GLU B 279 4.83 -15.81 -27.93
C GLU B 279 4.79 -14.43 -27.25
N GLN B 280 5.97 -13.91 -26.89
CA GLN B 280 6.03 -12.58 -26.27
C GLN B 280 5.58 -11.50 -27.24
N VAL B 281 5.96 -11.62 -28.52
CA VAL B 281 5.54 -10.69 -29.56
C VAL B 281 4.03 -10.77 -29.77
N ALA B 282 3.45 -11.97 -29.78
CA ALA B 282 2.02 -12.15 -29.97
C ALA B 282 1.22 -11.50 -28.83
N LYS B 283 1.68 -11.70 -27.61
CA LYS B 283 1.03 -11.11 -26.44
C LYS B 283 1.10 -9.59 -26.50
N ALA B 284 2.25 -9.01 -26.91
CA ALA B 284 2.34 -7.57 -27.05
C ALA B 284 1.34 -7.07 -28.08
N LYS B 285 1.19 -7.81 -29.19
CA LYS B 285 0.22 -7.41 -30.22
C LYS B 285 -1.20 -7.40 -29.65
N ASP B 286 -1.53 -8.41 -28.84
CA ASP B 286 -2.84 -8.49 -28.20
C ASP B 286 -3.03 -7.33 -27.23
N LEU B 287 -2.00 -7.04 -26.42
CA LEU B 287 -2.11 -5.93 -25.48
C LEU B 287 -2.33 -4.60 -26.16
N LYS B 288 -1.68 -4.36 -27.31
CA LYS B 288 -1.84 -3.12 -28.05
C LYS B 288 -3.28 -3.00 -28.55
N ALA B 289 -3.78 -4.10 -29.12
CA ALA B 289 -5.16 -4.11 -29.63
C ALA B 289 -6.18 -3.77 -28.56
N LYS B 290 -6.07 -4.44 -27.41
CA LYS B 290 -6.95 -4.22 -26.29
C LYS B 290 -6.80 -2.90 -25.55
N PHE B 291 -5.58 -2.41 -25.32
CA PHE B 291 -5.39 -1.23 -24.49
C PHE B 291 -4.76 -0.02 -25.09
N LEU B 292 -4.13 -0.09 -26.27
CA LEU B 292 -3.43 1.08 -26.78
C LEU B 292 -3.80 1.39 -28.23
N SER B 293 -4.99 0.98 -28.63
CA SER B 293 -5.44 1.27 -29.98
C SER B 293 -6.67 2.18 -29.96
#